data_3P6J
#
_entry.id   3P6J
#
_cell.length_a   46.860
_cell.length_b   57.698
_cell.length_c   61.412
_cell.angle_alpha   90.00
_cell.angle_beta   90.00
_cell.angle_gamma   90.00
#
_symmetry.space_group_name_H-M   'P 21 21 21'
#
loop_
_entity.id
_entity.type
_entity.pdbx_description
1 polymer 'de novo designed beta-trefoil architecture with symmetric primary structure'
2 water water
#
_entity_poly.entity_id   1
_entity_poly.type   'polypeptide(L)'
_entity_poly.pdbx_seq_one_letter_code
;HHHHHHFNLPPGNYKKGDTHIQFQISPEGNGEVLLKSTETGQYLRINPDGTVDGTRDRSDTHIQFQISPEGNGEVLLKST
ETGQYLRINPDGTVDGTRDRSDTHIQFQISPEGNGEVLLKSTETGQYLRINPDGTVDGTRDR
;
_entity_poly.pdbx_strand_id   A
#
# COMPACT_ATOMS: atom_id res chain seq x y z
N LYS A 16 10.37 12.24 2.43
CA LYS A 16 10.87 10.87 2.55
C LYS A 16 11.37 10.62 3.98
N GLY A 17 11.47 11.68 4.77
CA GLY A 17 11.94 11.56 6.15
C GLY A 17 10.84 11.24 7.15
N ASP A 18 9.62 11.05 6.66
CA ASP A 18 8.48 10.72 7.52
C ASP A 18 8.72 9.40 8.28
N THR A 19 8.18 9.31 9.49
CA THR A 19 8.41 8.16 10.35
CA THR A 19 8.41 8.16 10.36
C THR A 19 7.28 7.13 10.27
N HIS A 20 6.38 7.31 9.30
CA HIS A 20 5.22 6.43 9.17
C HIS A 20 5.07 5.90 7.77
N ILE A 21 6.18 5.87 7.01
CA ILE A 21 6.13 5.45 5.62
C ILE A 21 6.87 4.16 5.30
N GLN A 22 7.35 3.44 6.32
CA GLN A 22 8.04 2.16 6.08
CA GLN A 22 8.05 2.18 6.10
C GLN A 22 7.09 0.99 6.24
N PHE A 23 7.15 0.07 5.28
CA PHE A 23 6.28 -1.11 5.26
C PHE A 23 7.08 -2.40 5.18
N GLN A 24 6.50 -3.46 5.69
CA GLN A 24 6.95 -4.81 5.40
C GLN A 24 5.96 -5.45 4.44
N ILE A 25 6.45 -6.38 3.62
CA ILE A 25 5.59 -7.11 2.71
C ILE A 25 5.67 -8.58 3.08
N SER A 26 4.55 -9.12 3.56
CA SER A 26 4.48 -10.50 4.06
C SER A 26 3.82 -11.39 3.01
N PRO A 27 4.54 -12.41 2.53
CA PRO A 27 3.92 -13.32 1.56
C PRO A 27 2.92 -14.25 2.25
N GLU A 28 1.80 -14.49 1.60
CA GLU A 28 0.76 -15.36 2.16
C GLU A 28 0.44 -16.55 1.28
N GLY A 29 1.31 -16.83 0.31
CA GLY A 29 1.06 -17.92 -0.61
C GLY A 29 -0.05 -17.53 -1.57
N ASN A 30 -0.28 -18.39 -2.55
CA ASN A 30 -1.24 -18.12 -3.62
C ASN A 30 -1.06 -16.73 -4.22
N GLY A 31 0.15 -16.18 -4.07
CA GLY A 31 0.51 -14.94 -4.73
C GLY A 31 -0.01 -13.69 -4.06
N GLU A 32 -0.51 -13.82 -2.84
CA GLU A 32 -1.02 -12.70 -2.07
CA GLU A 32 -0.99 -12.65 -2.13
C GLU A 32 0.00 -12.22 -1.07
N VAL A 33 -0.06 -10.94 -0.71
CA VAL A 33 0.80 -10.37 0.31
C VAL A 33 0.02 -9.47 1.24
N LEU A 34 0.58 -9.25 2.43
CA LEU A 34 0.08 -8.23 3.33
C LEU A 34 1.06 -7.06 3.32
N LEU A 35 0.54 -5.85 3.42
CA LEU A 35 1.33 -4.62 3.45
C LEU A 35 1.17 -4.03 4.84
N LYS A 36 2.25 -4.10 5.61
CA LYS A 36 2.18 -3.82 7.05
CA LYS A 36 2.22 -3.86 7.05
C LYS A 36 3.09 -2.68 7.48
N SER A 37 2.54 -1.75 8.27
CA SER A 37 3.37 -0.70 8.88
C SER A 37 4.43 -1.30 9.78
N THR A 38 5.69 -0.93 9.57
CA THR A 38 6.76 -1.41 10.44
CA THR A 38 6.74 -1.42 10.45
C THR A 38 6.67 -0.84 11.86
N GLU A 39 6.03 0.32 12.00
CA GLU A 39 5.91 1.01 13.29
C GLU A 39 4.89 0.31 14.19
N THR A 40 3.69 0.10 13.65
CA THR A 40 2.55 -0.26 14.48
C THR A 40 2.02 -1.65 14.19
N GLY A 41 2.51 -2.30 13.13
CA GLY A 41 1.98 -3.58 12.71
C GLY A 41 0.61 -3.51 12.07
N GLN A 42 0.14 -2.30 11.78
CA GLN A 42 -1.16 -2.15 11.14
C GLN A 42 -1.07 -2.52 9.65
N TYR A 43 -2.06 -3.28 9.18
CA TYR A 43 -2.13 -3.71 7.79
C TYR A 43 -2.96 -2.74 6.97
N LEU A 44 -2.51 -2.47 5.75
CA LEU A 44 -3.27 -1.68 4.81
CA LEU A 44 -3.28 -1.68 4.79
C LEU A 44 -4.54 -2.44 4.39
N ARG A 45 -5.65 -1.71 4.32
CA ARG A 45 -6.95 -2.27 4.00
C ARG A 45 -7.65 -1.38 2.99
N ILE A 46 -8.24 -1.96 1.95
CA ILE A 46 -9.17 -1.21 1.10
C ILE A 46 -10.57 -1.73 1.37
N ASN A 47 -11.44 -0.84 1.85
CA ASN A 47 -12.80 -1.22 2.17
C ASN A 47 -13.68 -1.22 0.92
N PRO A 48 -14.82 -1.93 0.98
CA PRO A 48 -15.69 -2.00 -0.20
C PRO A 48 -16.10 -0.62 -0.71
N ASP A 49 -16.22 0.37 0.17
CA ASP A 49 -16.64 1.71 -0.25
C ASP A 49 -15.52 2.55 -0.87
N GLY A 50 -14.33 1.97 -1.01
CA GLY A 50 -13.23 2.67 -1.64
C GLY A 50 -12.34 3.43 -0.67
N THR A 51 -12.75 3.48 0.60
CA THR A 51 -11.87 4.08 1.60
C THR A 51 -10.71 3.14 1.93
N VAL A 52 -9.62 3.74 2.36
CA VAL A 52 -8.41 3.01 2.70
C VAL A 52 -8.00 3.37 4.12
N ASP A 53 -7.69 2.36 4.93
CA ASP A 53 -7.27 2.61 6.30
C ASP A 53 -6.39 1.45 6.77
N GLY A 54 -6.03 1.47 8.05
CA GLY A 54 -5.18 0.45 8.62
C GLY A 54 -5.88 -0.33 9.72
N THR A 55 -5.55 -1.61 9.83
CA THR A 55 -6.16 -2.47 10.85
C THR A 55 -5.17 -3.49 11.36
N ARG A 56 -5.30 -3.90 12.61
CA ARG A 56 -4.51 -5.00 13.16
CA ARG A 56 -4.49 -5.01 13.10
C ARG A 56 -5.17 -6.36 12.93
N ASP A 57 -6.39 -6.35 12.37
CA ASP A 57 -7.14 -7.61 12.18
C ASP A 57 -6.57 -8.42 11.02
N ARG A 58 -5.75 -9.41 11.37
CA ARG A 58 -5.09 -10.28 10.42
CA ARG A 58 -5.09 -10.27 10.40
C ARG A 58 -6.09 -11.11 9.59
N SER A 59 -7.29 -11.29 10.13
CA SER A 59 -8.30 -12.11 9.48
C SER A 59 -9.21 -11.33 8.52
N ASP A 60 -9.00 -10.02 8.43
CA ASP A 60 -9.83 -9.21 7.57
C ASP A 60 -9.49 -9.52 6.12
N THR A 61 -10.49 -9.88 5.30
CA THR A 61 -10.23 -10.26 3.92
C THR A 61 -9.73 -9.09 3.07
N HIS A 62 -9.93 -7.88 3.57
CA HIS A 62 -9.65 -6.68 2.78
C HIS A 62 -8.20 -6.20 2.89
N ILE A 63 -7.36 -6.98 3.58
CA ILE A 63 -5.96 -6.65 3.72
C ILE A 63 -5.07 -7.47 2.76
N GLN A 64 -5.67 -8.37 2.00
CA GLN A 64 -4.93 -9.20 1.06
CA GLN A 64 -4.89 -9.18 1.07
C GLN A 64 -4.66 -8.45 -0.24
N PHE A 65 -3.40 -8.34 -0.63
CA PHE A 65 -3.03 -7.63 -1.85
C PHE A 65 -2.34 -8.53 -2.85
N GLN A 66 -2.45 -8.14 -4.12
CA GLN A 66 -1.61 -8.70 -5.16
CA GLN A 66 -1.64 -8.70 -5.19
C GLN A 66 -0.78 -7.58 -5.75
N ILE A 67 0.51 -7.85 -5.94
CA ILE A 67 1.40 -6.91 -6.58
C ILE A 67 1.41 -7.29 -8.05
N SER A 68 0.98 -6.37 -8.91
CA SER A 68 0.79 -6.63 -10.33
C SER A 68 1.82 -5.82 -11.11
N PRO A 69 2.81 -6.49 -11.73
CA PRO A 69 3.83 -5.75 -12.48
CA PRO A 69 3.83 -5.74 -12.47
C PRO A 69 3.26 -5.12 -13.75
N GLU A 70 3.65 -3.89 -14.02
CA GLU A 70 3.14 -3.16 -15.19
C GLU A 70 4.18 -3.04 -16.28
N GLY A 71 5.42 -3.36 -15.95
CA GLY A 71 6.51 -3.11 -16.87
C GLY A 71 7.38 -1.98 -16.36
N ASN A 72 8.65 -2.05 -16.76
CA ASN A 72 9.65 -1.06 -16.36
C ASN A 72 9.66 -0.79 -14.87
N GLY A 73 9.30 -1.80 -14.08
CA GLY A 73 9.44 -1.72 -12.64
C GLY A 73 8.29 -1.07 -11.91
N GLU A 74 7.26 -0.64 -12.65
CA GLU A 74 6.07 -0.08 -12.02
C GLU A 74 5.16 -1.23 -11.61
N VAL A 75 4.50 -1.09 -10.47
CA VAL A 75 3.54 -2.11 -10.05
C VAL A 75 2.22 -1.48 -9.64
N LEU A 76 1.16 -2.28 -9.72
CA LEU A 76 -0.11 -1.94 -9.10
C LEU A 76 -0.26 -2.72 -7.81
N LEU A 77 -0.95 -2.12 -6.84
CA LEU A 77 -1.21 -2.77 -5.55
C LEU A 77 -2.71 -2.99 -5.47
N LYS A 78 -3.14 -4.22 -5.72
CA LYS A 78 -4.55 -4.53 -5.88
C LYS A 78 -5.09 -5.28 -4.66
N SER A 79 -6.12 -4.74 -4.03
CA SER A 79 -6.79 -5.46 -2.95
C SER A 79 -7.64 -6.53 -3.59
N THR A 80 -7.30 -7.79 -3.35
CA THR A 80 -7.91 -8.93 -4.01
CA THR A 80 -7.93 -8.86 -4.10
C THR A 80 -9.41 -9.07 -3.78
N GLU A 81 -9.84 -8.82 -2.56
CA GLU A 81 -11.22 -9.15 -2.20
C GLU A 81 -12.21 -8.38 -3.06
N THR A 82 -11.91 -7.10 -3.32
CA THR A 82 -12.87 -6.27 -4.05
C THR A 82 -12.29 -5.71 -5.36
N GLY A 83 -11.10 -6.17 -5.71
CA GLY A 83 -10.50 -5.82 -6.99
C GLY A 83 -10.18 -4.34 -7.15
N GLN A 84 -9.88 -3.66 -6.06
CA GLN A 84 -9.58 -2.25 -6.12
C GLN A 84 -8.08 -2.00 -6.04
N TYR A 85 -7.61 -1.09 -6.88
CA TYR A 85 -6.23 -0.65 -6.86
C TYR A 85 -6.02 0.52 -5.91
N LEU A 86 -4.92 0.50 -5.18
CA LEU A 86 -4.56 1.62 -4.33
CA LEU A 86 -4.56 1.63 -4.32
C LEU A 86 -4.21 2.83 -5.18
N ARG A 87 -4.70 4.00 -4.79
CA ARG A 87 -4.46 5.24 -5.51
C ARG A 87 -4.02 6.34 -4.54
N ILE A 88 -2.94 7.06 -4.87
CA ILE A 88 -2.63 8.27 -4.12
C ILE A 88 -2.91 9.46 -5.01
N ASN A 89 -3.82 10.31 -4.58
CA ASN A 89 -4.20 11.49 -5.35
C ASN A 89 -3.21 12.63 -5.09
N PRO A 90 -3.13 13.58 -6.02
CA PRO A 90 -2.19 14.70 -5.84
C PRO A 90 -2.38 15.45 -4.52
N ASP A 91 -3.60 15.51 -4.00
CA ASP A 91 -3.87 16.22 -2.76
C ASP A 91 -3.49 15.43 -1.50
N GLY A 92 -2.91 14.25 -1.68
CA GLY A 92 -2.45 13.45 -0.56
C GLY A 92 -3.49 12.48 -0.02
N THR A 93 -4.70 12.54 -0.52
CA THR A 93 -5.71 11.55 -0.14
C THR A 93 -5.42 10.22 -0.81
N VAL A 94 -5.82 9.14 -0.15
CA VAL A 94 -5.61 7.80 -0.66
C VAL A 94 -6.95 7.09 -0.71
N ASP A 95 -7.22 6.43 -1.83
CA ASP A 95 -8.47 5.67 -1.96
C ASP A 95 -8.27 4.49 -2.89
N GLY A 96 -9.35 3.74 -3.13
CA GLY A 96 -9.30 2.61 -4.03
C GLY A 96 -10.07 2.92 -5.29
N THR A 97 -9.63 2.34 -6.41
CA THR A 97 -10.33 2.51 -7.68
C THR A 97 -10.21 1.25 -8.52
N ARG A 98 -11.19 1.01 -9.37
CA ARG A 98 -11.10 -0.08 -10.32
C ARG A 98 -10.61 0.37 -11.69
N ASP A 99 -10.34 1.65 -11.82
CA ASP A 99 -9.88 2.20 -13.11
C ASP A 99 -8.39 1.92 -13.35
N ARG A 100 -8.12 0.87 -14.13
CA ARG A 100 -6.76 0.41 -14.35
C ARG A 100 -5.92 1.40 -15.17
N SER A 101 -6.59 2.36 -15.81
CA SER A 101 -5.91 3.34 -16.65
C SER A 101 -5.57 4.62 -15.90
N ASP A 102 -5.96 4.70 -14.64
CA ASP A 102 -5.62 5.85 -13.81
C ASP A 102 -4.11 5.90 -13.60
N THR A 103 -3.48 7.05 -13.85
CA THR A 103 -2.02 7.12 -13.71
C THR A 103 -1.57 7.16 -12.26
N HIS A 104 -2.52 7.32 -11.34
CA HIS A 104 -2.19 7.49 -9.93
C HIS A 104 -2.22 6.20 -9.14
N ILE A 105 -2.28 5.07 -9.84
CA ILE A 105 -2.26 3.77 -9.20
C ILE A 105 -0.91 3.05 -9.38
N GLN A 106 0.02 3.68 -10.09
CA GLN A 106 1.34 3.06 -10.30
CA GLN A 106 1.33 3.06 -10.30
C GLN A 106 2.28 3.37 -9.15
N PHE A 107 2.96 2.32 -8.66
CA PHE A 107 3.88 2.43 -7.54
C PHE A 107 5.26 1.90 -7.86
N GLN A 108 6.24 2.45 -7.14
CA GLN A 108 7.58 1.90 -7.10
C GLN A 108 7.84 1.38 -5.70
N ILE A 109 8.16 0.11 -5.58
CA ILE A 109 8.49 -0.47 -4.27
C ILE A 109 9.98 -0.28 -4.06
N SER A 110 10.33 0.56 -3.09
CA SER A 110 11.71 0.99 -2.89
CA SER A 110 11.71 0.99 -2.88
C SER A 110 12.26 0.48 -1.56
N PRO A 111 13.04 -0.63 -1.60
CA PRO A 111 13.56 -1.17 -0.35
C PRO A 111 14.61 -0.31 0.30
N GLU A 112 14.66 -0.36 1.63
CA GLU A 112 15.62 0.39 2.43
CA GLU A 112 15.64 0.39 2.41
C GLU A 112 16.40 -0.52 3.36
N GLY A 113 16.56 -1.78 2.95
CA GLY A 113 17.27 -2.75 3.76
C GLY A 113 16.37 -3.49 4.72
N ASN A 114 16.77 -4.71 5.04
CA ASN A 114 16.12 -5.50 6.09
C ASN A 114 14.64 -5.76 5.86
N GLY A 115 14.23 -5.84 4.60
CA GLY A 115 12.84 -6.13 4.28
C GLY A 115 11.89 -4.96 4.48
N GLU A 116 12.42 -3.77 4.71
CA GLU A 116 11.60 -2.59 4.85
CA GLU A 116 11.64 -2.55 4.86
C GLU A 116 11.57 -1.82 3.54
N VAL A 117 10.39 -1.34 3.18
CA VAL A 117 10.24 -0.64 1.89
C VAL A 117 9.43 0.64 2.03
N LEU A 118 9.65 1.54 1.09
CA LEU A 118 8.75 2.66 0.85
C LEU A 118 7.87 2.30 -0.33
N LEU A 119 6.63 2.78 -0.31
CA LEU A 119 5.68 2.56 -1.40
C LEU A 119 5.40 3.92 -2.02
N LYS A 120 6.06 4.18 -3.15
CA LYS A 120 6.05 5.51 -3.75
C LYS A 120 5.16 5.56 -4.98
N SER A 121 4.23 6.52 -4.95
N SER A 121 4.20 6.48 -5.01
CA SER A 121 3.41 6.87 -6.09
CA SER A 121 3.31 6.58 -6.15
C SER A 121 4.31 7.43 -7.17
C SER A 121 3.96 7.46 -7.22
N THR A 122 4.31 6.81 -8.34
CA THR A 122 5.13 7.37 -9.39
C THR A 122 4.69 8.75 -9.87
N GLU A 123 3.42 8.90 -10.16
CA GLU A 123 2.92 10.11 -10.80
C GLU A 123 3.04 11.37 -9.92
N THR A 124 2.95 11.20 -8.61
CA THR A 124 2.92 12.36 -7.72
C THR A 124 4.14 12.47 -6.83
N GLY A 125 4.94 11.42 -6.76
CA GLY A 125 6.09 11.40 -5.88
C GLY A 125 5.72 11.29 -4.40
N GLN A 126 4.50 10.85 -4.12
CA GLN A 126 4.11 10.69 -2.75
CA GLN A 126 4.02 10.68 -2.77
C GLN A 126 4.34 9.29 -2.23
N TYR A 127 4.78 9.24 -0.97
CA TYR A 127 4.95 7.98 -0.26
C TYR A 127 3.69 7.64 0.51
N LEU A 128 3.27 6.38 0.46
CA LEU A 128 2.14 5.93 1.25
C LEU A 128 2.50 5.99 2.72
N ARG A 129 1.55 6.45 3.54
CA ARG A 129 1.75 6.58 4.97
C ARG A 129 0.58 5.99 5.72
N ILE A 130 0.83 5.08 6.68
CA ILE A 130 -0.21 4.71 7.63
C ILE A 130 0.13 5.36 8.96
N ASN A 131 -0.67 6.35 9.33
CA ASN A 131 -0.49 7.03 10.60
C ASN A 131 -0.85 6.10 11.74
N PRO A 132 -0.36 6.37 12.96
CA PRO A 132 -0.61 5.49 14.11
CA PRO A 132 -0.61 5.42 14.04
C PRO A 132 -2.10 5.29 14.41
N ASP A 133 -2.94 6.22 14.00
CA ASP A 133 -4.38 6.09 14.25
C ASP A 133 -5.09 5.30 13.15
N GLY A 134 -4.34 4.67 12.26
CA GLY A 134 -4.93 3.88 11.19
C GLY A 134 -5.35 4.68 9.99
N THR A 135 -5.20 6.00 10.02
CA THR A 135 -5.53 6.78 8.84
C THR A 135 -4.41 6.66 7.81
N VAL A 136 -4.78 6.65 6.53
CA VAL A 136 -3.82 6.46 5.47
C VAL A 136 -3.84 7.67 4.55
N ASP A 137 -2.65 8.18 4.22
CA ASP A 137 -2.55 9.31 3.30
C ASP A 137 -1.21 9.25 2.58
N GLY A 138 -0.91 10.27 1.79
CA GLY A 138 0.35 10.37 1.09
C GLY A 138 1.16 11.54 1.62
N THR A 139 2.48 11.39 1.61
CA THR A 139 3.36 12.50 1.95
C THR A 139 4.56 12.50 1.04
N ARG A 140 5.03 13.69 0.68
CA ARG A 140 6.20 13.78 -0.17
C ARG A 140 7.43 13.97 0.71
#